data_7JRU
#
_entry.id   7JRU
#
_cell.length_a   58.581
_cell.length_b   84.434
_cell.length_c   99.068
_cell.angle_alpha   90.000
_cell.angle_beta   90.000
_cell.angle_gamma   90.000
#
_symmetry.space_group_name_H-M   'P 21 21 21'
#
loop_
_entity.id
_entity.type
_entity.pdbx_description
1 polymer 'Phospholipase D'
2 non-polymer '2-(N-MORPHOLINO)-ETHANESULFONIC ACID'
3 non-polymer GLYCEROL
4 non-polymer '(2R)-3-(phosphonooxy)propane-1,2-diyl dibutanoate'
5 water water
#
_entity_poly.entity_id   1
_entity_poly.type   'polypeptide(L)'
_entity_poly.pdbx_seq_one_letter_code
;ADTPPTPHLDAIERSLRDTSPGLEGSVWQRTDGNRLDAPDGDPAGWLLQTPGCWGDAGCKDRAGTRRLLDKMTRNIADAR
HTVDISSLAPFPNGGFEDAVVDGLKASVAAGHSPRVRILVGAAPIYHLNVVPSRYRDELIGKLGAAAGKVTLNVASMTTS
KTSLSWNHSKLLVVDGKTAITGGINTNKDDYLDTAHPVSDVDMALSGPAARSAGKYLDTLWDWTCRNASDPAKVWLATSN
GASCMPSMEQDEAGSAPAEPTGDVPVIAVGGLGVGIKESDPSSGYHPDLPTAPDTKCTVGLHDNTNADRDYDTVNPEENA
LRSLIASARSHVEISQQDLNATCPPLPRYDIRTYDTLAGKLAAGVKVRIVVSDPANRGAVGSGGRSQIKSLDEISDTLRT
RLVALTGDNEKASRALCGNLQLASFRSSDAAKWADGKPYALHHKLVSVDDSAFYIGSKNLYPAWLQDFGYIVESPAAAQQ
LKTELLDPEWKYSQQAAATPAGCPARQAG
;
_entity_poly.pdbx_strand_id   A
#
loop_
_chem_comp.id
_chem_comp.type
_chem_comp.name
_chem_comp.formula
GOL non-polymer GLYCEROL 'C3 H8 O3'
MES non-polymer '2-(N-MORPHOLINO)-ETHANESULFONIC ACID' 'C6 H13 N O4 S'
VHY non-polymer '(2R)-3-(phosphonooxy)propane-1,2-diyl dibutanoate' 'C11 H21 O8 P'
#
# COMPACT_ATOMS: atom_id res chain seq x y z
N PRO A 4 6.07 25.79 -8.38
CA PRO A 4 5.88 25.42 -6.97
C PRO A 4 6.89 24.37 -6.52
N PRO A 5 7.65 24.67 -5.49
CA PRO A 5 8.76 23.79 -5.12
C PRO A 5 8.26 22.46 -4.58
N THR A 6 9.01 21.40 -4.87
CA THR A 6 8.72 20.05 -4.35
C THR A 6 9.95 19.47 -3.68
N PRO A 7 10.40 20.07 -2.56
CA PRO A 7 11.65 19.59 -1.96
C PRO A 7 11.58 18.16 -1.45
N HIS A 8 10.41 17.67 -1.05
CA HIS A 8 10.30 16.29 -0.57
C HIS A 8 10.38 15.30 -1.73
N LEU A 9 9.60 15.54 -2.79
CA LEU A 9 9.66 14.67 -3.96
C LEU A 9 11.05 14.68 -4.58
N ASP A 10 11.72 15.83 -4.55
CA ASP A 10 13.06 15.94 -5.13
C ASP A 10 14.03 15.01 -4.43
N ALA A 11 14.01 15.02 -3.10
CA ALA A 11 14.88 14.13 -2.34
C ALA A 11 14.56 12.67 -2.62
N ILE A 12 13.27 12.34 -2.71
CA ILE A 12 12.86 10.96 -2.98
C ILE A 12 13.28 10.56 -4.38
N GLU A 13 13.07 11.45 -5.37
CA GLU A 13 13.45 11.16 -6.74
C GLU A 13 14.94 10.83 -6.84
N ARG A 14 15.76 11.59 -6.12
CA ARG A 14 17.21 11.33 -6.11
C ARG A 14 17.49 9.94 -5.57
N SER A 15 16.83 9.56 -4.48
CA SER A 15 17.00 8.23 -3.92
C SER A 15 16.60 7.15 -4.92
N LEU A 16 15.49 7.35 -5.63
CA LEU A 16 15.02 6.33 -6.57
C LEU A 16 15.92 6.24 -7.79
N ARG A 17 16.39 7.39 -8.32
CA ARG A 17 17.28 7.32 -9.46
C ARG A 17 18.62 6.70 -9.07
N ASP A 18 19.02 6.82 -7.82
CA ASP A 18 20.26 6.17 -7.38
C ASP A 18 20.07 4.68 -7.17
N THR A 19 18.94 4.28 -6.57
CA THR A 19 18.69 2.89 -6.23
C THR A 19 18.35 2.05 -7.45
N SER A 20 17.49 2.58 -8.33
CA SER A 20 16.82 1.79 -9.35
C SER A 20 16.70 2.56 -10.66
N PRO A 21 17.82 3.08 -11.20
CA PRO A 21 17.69 3.89 -12.43
C PRO A 21 17.04 3.15 -13.58
N GLY A 22 17.29 1.85 -13.72
CA GLY A 22 16.71 1.09 -14.82
C GLY A 22 15.22 0.83 -14.70
N LEU A 23 14.66 1.02 -13.52
CA LEU A 23 13.24 0.75 -13.28
C LEU A 23 12.39 2.01 -13.44
N GLU A 24 13.01 3.15 -13.76
CA GLU A 24 12.26 4.39 -13.96
C GLU A 24 11.43 4.27 -15.23
N GLY A 25 10.15 4.60 -15.13
CA GLY A 25 9.21 4.36 -16.20
C GLY A 25 8.47 3.04 -16.10
N SER A 26 8.88 2.13 -15.22
CA SER A 26 8.16 0.87 -15.10
C SER A 26 7.76 0.62 -13.65
N VAL A 27 8.74 0.45 -12.76
CA VAL A 27 8.43 0.20 -11.36
C VAL A 27 8.37 1.48 -10.52
N TRP A 28 8.98 2.57 -10.99
CA TRP A 28 8.71 3.87 -10.37
C TRP A 28 8.73 4.94 -11.44
N GLN A 29 8.06 6.05 -11.14
CA GLN A 29 7.99 7.16 -12.07
C GLN A 29 7.45 8.42 -11.39
N ARG A 30 8.15 9.54 -11.58
CA ARG A 30 7.64 10.85 -11.20
C ARG A 30 6.90 11.46 -12.38
N THR A 31 5.72 12.03 -12.13
CA THR A 31 4.96 12.70 -13.16
C THR A 31 4.40 14.01 -12.61
N ASP A 32 4.11 14.93 -13.52
CA ASP A 32 3.41 16.18 -13.23
C ASP A 32 2.00 16.12 -13.78
N GLY A 33 1.17 17.04 -13.29
CA GLY A 33 -0.12 17.25 -13.95
C GLY A 33 -1.19 16.25 -13.61
N ASN A 34 -1.19 15.72 -12.40
CA ASN A 34 -2.20 14.78 -11.97
C ASN A 34 -3.32 15.52 -11.26
N ARG A 35 -4.46 14.84 -11.10
CA ARG A 35 -5.58 15.35 -10.33
C ARG A 35 -6.00 14.32 -9.29
N LEU A 36 -6.08 14.74 -8.03
CA LEU A 36 -6.73 13.93 -7.02
C LEU A 36 -8.23 13.93 -7.30
N ASP A 37 -8.78 12.73 -7.55
CA ASP A 37 -10.06 12.59 -8.25
C ASP A 37 -11.22 12.65 -7.25
N ALA A 38 -11.59 13.89 -6.88
CA ALA A 38 -12.68 14.20 -5.96
C ALA A 38 -13.98 14.49 -6.72
N PRO A 39 -15.10 13.97 -6.25
CA PRO A 39 -16.39 14.28 -6.89
C PRO A 39 -16.78 15.74 -6.65
N ASP A 40 -17.75 16.20 -7.45
CA ASP A 40 -18.19 17.58 -7.34
C ASP A 40 -18.78 17.84 -5.96
N GLY A 41 -18.42 18.99 -5.37
CA GLY A 41 -18.95 19.34 -4.06
C GLY A 41 -18.45 18.50 -2.91
N ASP A 42 -17.42 17.67 -3.11
CA ASP A 42 -16.74 16.96 -2.03
C ASP A 42 -15.25 17.01 -2.35
N PRO A 43 -14.57 18.13 -2.02
CA PRO A 43 -13.19 18.32 -2.50
C PRO A 43 -12.19 17.37 -1.87
N ALA A 44 -12.43 16.89 -0.66
CA ALA A 44 -11.53 15.91 -0.07
C ALA A 44 -11.95 14.49 -0.39
N GLY A 45 -12.85 14.30 -1.36
CA GLY A 45 -13.43 13.00 -1.62
C GLY A 45 -12.53 12.04 -2.35
N TRP A 46 -11.39 12.54 -2.85
CA TRP A 46 -10.35 11.67 -3.38
C TRP A 46 -9.74 10.78 -2.31
N LEU A 47 -9.93 11.12 -1.05
CA LEU A 47 -9.39 10.33 0.05
C LEU A 47 -10.47 9.35 0.48
N LEU A 48 -10.26 8.07 0.21
CA LEU A 48 -11.30 7.05 0.34
C LEU A 48 -11.07 6.23 1.61
N GLN A 49 -11.60 6.73 2.74
CA GLN A 49 -11.43 6.10 4.03
C GLN A 49 -12.54 5.08 4.29
N THR A 50 -12.17 3.97 4.92
CA THR A 50 -13.15 2.98 5.31
C THR A 50 -12.92 2.61 6.76
N PRO A 51 -13.98 2.38 7.54
CA PRO A 51 -15.41 2.41 7.20
C PRO A 51 -16.01 3.81 7.10
N GLY A 52 -15.32 4.80 7.65
CA GLY A 52 -15.80 6.16 7.66
C GLY A 52 -16.75 6.51 8.79
N CYS A 53 -16.36 6.23 10.04
CA CYS A 53 -17.20 6.54 11.20
CA CYS A 53 -17.18 6.49 11.22
C CYS A 53 -16.36 7.14 12.33
N TRP A 54 -15.62 8.21 12.02
CA TRP A 54 -14.89 8.96 13.04
C TRP A 54 -15.83 9.35 14.17
N GLY A 55 -15.46 8.98 15.40
CA GLY A 55 -16.28 9.35 16.55
C GLY A 55 -17.66 8.74 16.53
N ASP A 56 -17.79 7.53 15.99
CA ASP A 56 -19.07 6.81 15.93
C ASP A 56 -18.75 5.35 16.29
N ALA A 57 -18.74 5.07 17.59
CA ALA A 57 -18.37 3.74 18.07
C ALA A 57 -19.31 2.67 17.53
N GLY A 58 -20.55 3.02 17.19
CA GLY A 58 -21.48 2.04 16.69
C GLY A 58 -21.32 1.81 15.21
N CYS A 59 -20.88 2.84 14.48
CA CYS A 59 -20.54 2.76 13.06
C CYS A 59 -21.65 2.07 12.26
N LYS A 60 -22.86 2.64 12.37
CA LYS A 60 -24.04 2.03 11.79
C LYS A 60 -24.23 2.37 10.31
N ASP A 61 -23.93 3.60 9.91
CA ASP A 61 -24.01 4.01 8.50
C ASP A 61 -22.57 4.09 7.97
N ARG A 62 -22.11 2.98 7.39
CA ARG A 62 -20.69 2.87 6.99
C ARG A 62 -20.50 3.56 5.63
N ALA A 63 -20.64 4.89 5.67
CA ALA A 63 -20.68 5.68 4.44
C ALA A 63 -19.36 5.65 3.68
N GLY A 64 -18.23 5.44 4.37
CA GLY A 64 -16.95 5.34 3.68
C GLY A 64 -16.85 4.12 2.78
N THR A 65 -17.28 2.97 3.29
CA THR A 65 -17.27 1.76 2.48
C THR A 65 -18.16 1.90 1.25
N ARG A 66 -19.33 2.51 1.43
CA ARG A 66 -20.24 2.72 0.30
C ARG A 66 -19.64 3.67 -0.72
N ARG A 67 -18.99 4.74 -0.25
CA ARG A 67 -18.35 5.67 -1.18
C ARG A 67 -17.22 4.99 -1.95
N LEU A 68 -16.49 4.08 -1.30
CA LEU A 68 -15.41 3.40 -2.00
C LEU A 68 -15.96 2.49 -3.10
N LEU A 69 -16.94 1.63 -2.75
CA LEU A 69 -17.53 0.71 -3.71
C LEU A 69 -18.18 1.47 -4.86
N ASP A 70 -18.82 2.62 -4.56
CA ASP A 70 -19.43 3.42 -5.61
C ASP A 70 -18.39 4.00 -6.55
N LYS A 71 -17.26 4.46 -6.00
CA LYS A 71 -16.22 5.03 -6.84
C LYS A 71 -15.57 3.97 -7.70
N MET A 72 -15.38 2.77 -7.15
CA MET A 72 -14.86 1.66 -7.96
C MET A 72 -15.78 1.38 -9.14
N THR A 73 -17.09 1.25 -8.87
CA THR A 73 -18.04 0.91 -9.94
C THR A 73 -18.04 1.99 -11.03
N ARG A 74 -18.08 3.25 -10.61
CA ARG A 74 -18.11 4.37 -11.56
C ARG A 74 -16.86 4.41 -12.43
N ASN A 75 -15.68 4.23 -11.82
CA ASN A 75 -14.45 4.21 -12.62
C ASN A 75 -14.49 3.08 -13.65
N ILE A 76 -14.96 1.90 -13.23
CA ILE A 76 -15.01 0.77 -14.16
C ILE A 76 -16.08 1.00 -15.21
N ALA A 77 -17.21 1.60 -14.83
CA ALA A 77 -18.25 1.94 -15.79
C ALA A 77 -17.73 2.83 -16.91
N ASP A 78 -16.78 3.73 -16.60
CA ASP A 78 -16.19 4.66 -17.55
C ASP A 78 -15.16 4.02 -18.47
N ALA A 79 -14.87 2.72 -18.29
CA ALA A 79 -13.77 2.08 -19.02
C ALA A 79 -14.10 2.03 -20.50
N ARG A 80 -13.24 2.60 -21.31
CA ARG A 80 -13.38 2.41 -22.73
C ARG A 80 -12.57 1.22 -23.25
N HIS A 81 -11.40 0.98 -22.67
CA HIS A 81 -10.44 0.04 -23.25
C HIS A 81 -9.87 -1.00 -22.27
N THR A 82 -9.44 -0.58 -21.07
CA THR A 82 -8.71 -1.49 -20.19
C THR A 82 -9.17 -1.32 -18.74
N VAL A 83 -9.23 -2.43 -18.03
CA VAL A 83 -9.44 -2.47 -16.59
C VAL A 83 -8.36 -3.38 -16.02
N ASP A 84 -7.62 -2.88 -15.02
CA ASP A 84 -6.45 -3.55 -14.48
C ASP A 84 -6.61 -3.61 -12.96
N ILE A 85 -6.80 -4.81 -12.42
CA ILE A 85 -7.02 -4.99 -10.99
C ILE A 85 -5.94 -5.90 -10.44
N SER A 86 -5.38 -5.52 -9.30
CA SER A 86 -4.50 -6.41 -8.57
C SER A 86 -4.91 -6.36 -7.11
N SER A 87 -4.63 -7.44 -6.40
CA SER A 87 -5.02 -7.56 -5.01
C SER A 87 -4.24 -8.71 -4.40
N LEU A 88 -4.29 -8.78 -3.08
CA LEU A 88 -3.99 -10.01 -2.36
C LEU A 88 -5.16 -10.97 -2.49
N ALA A 89 -4.86 -12.27 -2.57
CA ALA A 89 -5.92 -13.26 -2.69
C ALA A 89 -6.88 -13.17 -1.50
N PRO A 90 -8.16 -13.50 -1.68
CA PRO A 90 -8.81 -14.05 -2.87
C PRO A 90 -9.17 -13.01 -3.95
N PHE A 91 -9.53 -13.51 -5.12
CA PHE A 91 -10.14 -12.67 -6.15
C PHE A 91 -11.29 -11.86 -5.55
N PRO A 92 -11.58 -10.69 -6.11
CA PRO A 92 -12.62 -9.84 -5.54
C PRO A 92 -13.94 -10.58 -5.39
N ASN A 93 -14.53 -10.51 -4.19
CA ASN A 93 -15.82 -11.13 -3.91
C ASN A 93 -16.72 -10.14 -3.21
N GLY A 94 -17.96 -10.56 -2.93
CA GLY A 94 -18.89 -9.69 -2.25
C GLY A 94 -19.15 -8.42 -3.05
N GLY A 95 -19.27 -7.30 -2.34
CA GLY A 95 -19.57 -6.03 -3.00
C GLY A 95 -18.47 -5.57 -3.94
N PHE A 96 -17.23 -6.01 -3.69
CA PHE A 96 -16.14 -5.68 -4.62
C PHE A 96 -16.36 -6.34 -5.97
N GLU A 97 -16.84 -7.57 -5.99
CA GLU A 97 -17.16 -8.23 -7.26
C GLU A 97 -18.35 -7.58 -7.93
N ASP A 98 -19.36 -7.17 -7.15
CA ASP A 98 -20.50 -6.43 -7.70
C ASP A 98 -20.05 -5.17 -8.41
N ALA A 99 -19.08 -4.46 -7.85
CA ALA A 99 -18.58 -3.25 -8.49
C ALA A 99 -17.96 -3.56 -9.84
N VAL A 100 -17.14 -4.62 -9.89
CA VAL A 100 -16.50 -5.02 -11.14
C VAL A 100 -17.53 -5.45 -12.17
N VAL A 101 -18.49 -6.29 -11.76
CA VAL A 101 -19.52 -6.75 -12.71
C VAL A 101 -20.37 -5.59 -13.18
N ASP A 102 -20.92 -4.79 -12.25
CA ASP A 102 -21.78 -3.68 -12.64
C ASP A 102 -21.06 -2.71 -13.55
N GLY A 103 -19.82 -2.37 -13.21
CA GLY A 103 -19.09 -1.41 -14.02
C GLY A 103 -18.77 -1.96 -15.40
N LEU A 104 -18.45 -3.24 -15.48
CA LEU A 104 -18.14 -3.85 -16.78
C LEU A 104 -19.39 -3.96 -17.65
N LYS A 105 -20.54 -4.31 -17.05
CA LYS A 105 -21.77 -4.34 -17.83
C LYS A 105 -22.11 -2.94 -18.36
N ALA A 106 -21.91 -1.90 -17.55
CA ALA A 106 -22.20 -0.56 -18.01
C ALA A 106 -21.27 -0.17 -19.14
N SER A 107 -19.99 -0.51 -19.02
CA SER A 107 -19.03 -0.21 -20.07
C SER A 107 -19.42 -0.90 -21.38
N VAL A 108 -19.80 -2.18 -21.31
CA VAL A 108 -20.23 -2.90 -22.52
C VAL A 108 -21.52 -2.30 -23.07
N ALA A 109 -22.45 -1.99 -22.18
CA ALA A 109 -23.68 -1.32 -22.60
C ALA A 109 -23.40 -0.02 -23.35
N ALA A 110 -22.34 0.69 -22.98
CA ALA A 110 -21.94 1.91 -23.70
C ALA A 110 -21.14 1.61 -24.98
N GLY A 111 -21.04 0.36 -25.39
CA GLY A 111 -20.43 0.01 -26.67
C GLY A 111 -18.97 -0.37 -26.62
N HIS A 112 -18.41 -0.53 -25.43
CA HIS A 112 -16.99 -0.81 -25.31
C HIS A 112 -16.74 -2.31 -25.20
N SER A 113 -15.54 -2.71 -25.63
CA SER A 113 -15.09 -4.09 -25.57
C SER A 113 -13.83 -4.14 -24.72
N PRO A 114 -13.97 -4.02 -23.40
CA PRO A 114 -12.79 -3.80 -22.55
C PRO A 114 -11.97 -5.06 -22.30
N ARG A 115 -10.66 -4.87 -22.22
CA ARG A 115 -9.76 -5.92 -21.76
C ARG A 115 -9.58 -5.76 -20.26
N VAL A 116 -9.51 -6.89 -19.54
CA VAL A 116 -9.53 -6.88 -18.08
C VAL A 116 -8.47 -7.82 -17.55
N ARG A 117 -7.56 -7.31 -16.73
CA ARG A 117 -6.57 -8.12 -16.03
C ARG A 117 -6.90 -8.12 -14.54
N ILE A 118 -6.92 -9.30 -13.93
CA ILE A 118 -7.20 -9.45 -12.50
C ILE A 118 -6.11 -10.36 -11.92
N LEU A 119 -5.25 -9.79 -11.08
CA LEU A 119 -4.09 -10.50 -10.53
C LEU A 119 -4.16 -10.52 -9.02
N VAL A 120 -4.05 -11.71 -8.42
CA VAL A 120 -3.93 -11.83 -6.97
C VAL A 120 -2.63 -12.54 -6.63
N GLY A 121 -2.03 -12.11 -5.52
CA GLY A 121 -0.89 -12.82 -4.96
C GLY A 121 -1.37 -13.83 -3.93
N ALA A 122 -0.71 -14.99 -3.91
CA ALA A 122 -1.12 -16.07 -3.03
C ALA A 122 0.09 -16.55 -2.24
N ALA A 123 -0.06 -16.61 -0.92
CA ALA A 123 0.97 -17.19 -0.06
C ALA A 123 1.02 -18.72 -0.26
N PRO A 124 2.21 -19.32 -0.13
CA PRO A 124 2.28 -20.78 -0.28
C PRO A 124 1.38 -21.55 0.68
N ILE A 125 1.16 -21.05 1.90
CA ILE A 125 0.25 -21.72 2.83
C ILE A 125 -1.22 -21.45 2.52
N TYR A 126 -1.52 -20.41 1.75
CA TYR A 126 -2.91 -20.04 1.51
C TYR A 126 -3.50 -20.93 0.43
N HIS A 127 -4.63 -21.55 0.76
CA HIS A 127 -5.37 -22.36 -0.20
C HIS A 127 -6.42 -21.47 -0.85
N LEU A 128 -6.35 -21.33 -2.19
CA LEU A 128 -7.32 -20.54 -2.94
C LEU A 128 -8.60 -21.36 -3.12
N ASN A 129 -9.70 -20.90 -2.52
CA ASN A 129 -10.97 -21.60 -2.68
C ASN A 129 -11.47 -21.50 -4.11
N VAL A 130 -11.51 -20.28 -4.64
CA VAL A 130 -12.02 -20.01 -5.98
C VAL A 130 -10.80 -19.72 -6.83
N VAL A 131 -10.40 -20.70 -7.64
CA VAL A 131 -9.18 -20.65 -8.45
C VAL A 131 -9.43 -19.81 -9.70
N PRO A 132 -8.39 -19.42 -10.44
CA PRO A 132 -8.61 -18.51 -11.59
C PRO A 132 -9.67 -18.97 -12.59
N SER A 133 -9.66 -20.25 -12.98
CA SER A 133 -10.67 -20.75 -13.91
C SER A 133 -12.07 -20.66 -13.31
N ARG A 134 -12.22 -20.96 -12.03
CA ARG A 134 -13.55 -20.86 -11.43
C ARG A 134 -13.97 -19.40 -11.27
N TYR A 135 -13.05 -18.53 -10.88
CA TYR A 135 -13.43 -17.12 -10.76
C TYR A 135 -13.82 -16.55 -12.11
N ARG A 136 -13.07 -16.89 -13.17
CA ARG A 136 -13.40 -16.43 -14.52
C ARG A 136 -14.79 -16.90 -14.93
N ASP A 137 -15.08 -18.18 -14.71
CA ASP A 137 -16.41 -18.70 -15.00
C ASP A 137 -17.49 -17.98 -14.21
N GLU A 138 -17.21 -17.66 -12.95
CA GLU A 138 -18.17 -16.92 -12.13
C GLU A 138 -18.42 -15.52 -12.68
N LEU A 139 -17.37 -14.81 -13.10
CA LEU A 139 -17.57 -13.48 -13.69
C LEU A 139 -18.35 -13.57 -14.98
N ILE A 140 -18.06 -14.58 -15.80
CA ILE A 140 -18.75 -14.71 -17.08
C ILE A 140 -20.24 -14.90 -16.86
N GLY A 141 -20.61 -15.77 -15.90
CA GLY A 141 -22.02 -15.96 -15.61
C GLY A 141 -22.68 -14.68 -15.14
N LYS A 142 -22.05 -13.99 -14.18
CA LYS A 142 -22.61 -12.73 -13.69
C LYS A 142 -22.65 -11.66 -14.77
N LEU A 143 -21.70 -11.68 -15.71
CA LEU A 143 -21.71 -10.68 -16.78
C LEU A 143 -22.80 -10.97 -17.81
N GLY A 144 -23.30 -12.21 -17.88
CA GLY A 144 -24.36 -12.54 -18.80
C GLY A 144 -23.96 -12.29 -20.24
N ALA A 145 -24.85 -11.61 -20.98
CA ALA A 145 -24.64 -11.38 -22.41
C ALA A 145 -23.41 -10.53 -22.68
N ALA A 146 -22.99 -9.71 -21.71
CA ALA A 146 -21.83 -8.85 -21.90
C ALA A 146 -20.52 -9.62 -21.96
N ALA A 147 -20.47 -10.85 -21.43
CA ALA A 147 -19.23 -11.62 -21.37
C ALA A 147 -18.49 -11.66 -22.72
N GLY A 148 -19.24 -11.77 -23.83
CA GLY A 148 -18.63 -11.90 -25.14
C GLY A 148 -17.80 -10.70 -25.55
N LYS A 149 -18.08 -9.51 -24.99
CA LYS A 149 -17.35 -8.32 -25.33
C LYS A 149 -16.20 -8.03 -24.36
N VAL A 150 -16.05 -8.83 -23.30
CA VAL A 150 -15.05 -8.61 -22.27
C VAL A 150 -13.94 -9.64 -22.43
N THR A 151 -12.70 -9.16 -22.59
CA THR A 151 -11.53 -10.03 -22.64
C THR A 151 -10.95 -10.15 -21.23
N LEU A 152 -10.98 -11.35 -20.65
CA LEU A 152 -10.51 -11.57 -19.29
C LEU A 152 -9.17 -12.27 -19.26
N ASN A 153 -8.28 -11.79 -18.40
CA ASN A 153 -7.11 -12.51 -17.91
C ASN A 153 -7.23 -12.59 -16.40
N VAL A 154 -7.32 -13.81 -15.87
CA VAL A 154 -7.38 -14.03 -14.43
C VAL A 154 -6.19 -14.88 -14.05
N ALA A 155 -5.44 -14.46 -13.04
CA ALA A 155 -4.24 -15.20 -12.64
C ALA A 155 -3.96 -15.04 -11.15
N SER A 156 -3.53 -16.13 -10.51
CA SER A 156 -3.00 -16.09 -9.15
C SER A 156 -1.53 -16.48 -9.19
N MET A 157 -0.71 -15.89 -8.33
CA MET A 157 0.72 -16.00 -8.52
C MET A 157 1.48 -15.98 -7.19
N THR A 158 2.61 -16.67 -7.20
CA THR A 158 3.57 -16.70 -6.10
C THR A 158 4.94 -16.62 -6.73
N THR A 159 5.70 -15.57 -6.42
CA THR A 159 6.99 -15.39 -7.08
C THR A 159 8.13 -16.08 -6.34
N SER A 160 7.97 -16.36 -5.06
CA SER A 160 9.03 -17.03 -4.32
C SER A 160 8.41 -17.75 -3.14
N LYS A 161 8.55 -19.07 -3.14
CA LYS A 161 8.09 -19.90 -2.03
C LYS A 161 9.02 -19.78 -0.82
N THR A 162 10.34 -19.78 -1.03
CA THR A 162 11.22 -19.76 0.13
C THR A 162 11.37 -18.33 0.69
N SER A 163 11.36 -17.30 -0.16
CA SER A 163 11.46 -15.94 0.35
C SER A 163 10.11 -15.26 0.53
N LEU A 164 9.02 -16.02 0.50
CA LEU A 164 7.67 -15.54 0.84
C LEU A 164 7.31 -14.26 0.07
N SER A 165 7.17 -14.40 -1.24
CA SER A 165 6.95 -13.23 -2.07
C SER A 165 5.83 -13.52 -3.06
N TRP A 166 4.86 -12.60 -3.13
CA TRP A 166 3.68 -12.70 -3.97
C TRP A 166 3.07 -11.30 -4.05
N ASN A 167 2.09 -11.12 -4.94
CA ASN A 167 1.56 -9.79 -5.14
C ASN A 167 0.76 -9.34 -3.92
N HIS A 168 1.12 -8.17 -3.39
CA HIS A 168 0.39 -7.50 -2.34
C HIS A 168 -0.19 -6.15 -2.79
N SER A 169 0.11 -5.71 -4.00
CA SER A 169 -0.39 -4.42 -4.45
C SER A 169 -1.91 -4.49 -4.63
N LYS A 170 -2.55 -3.34 -4.47
CA LYS A 170 -4.00 -3.21 -4.44
C LYS A 170 -4.33 -2.05 -5.37
N LEU A 171 -4.69 -2.36 -6.62
CA LEU A 171 -4.80 -1.36 -7.68
C LEU A 171 -6.07 -1.59 -8.48
N LEU A 172 -6.69 -0.49 -8.90
CA LEU A 172 -7.71 -0.49 -9.95
C LEU A 172 -7.35 0.64 -10.90
N VAL A 173 -6.85 0.29 -12.09
CA VAL A 173 -6.44 1.24 -13.11
C VAL A 173 -7.38 1.07 -14.30
N VAL A 174 -7.99 2.17 -14.72
CA VAL A 174 -8.93 2.12 -15.85
C VAL A 174 -8.40 3.01 -16.97
N ASP A 175 -8.24 2.40 -18.17
CA ASP A 175 -7.77 3.07 -19.38
C ASP A 175 -6.40 3.75 -19.22
N GLY A 176 -5.61 3.34 -18.21
CA GLY A 176 -4.38 4.06 -17.93
C GLY A 176 -4.58 5.53 -17.63
N LYS A 177 -5.81 5.92 -17.30
CA LYS A 177 -6.20 7.30 -17.02
C LYS A 177 -6.58 7.54 -15.56
N THR A 178 -7.30 6.61 -14.92
CA THR A 178 -7.66 6.72 -13.51
C THR A 178 -7.08 5.55 -12.72
N ALA A 179 -6.84 5.79 -11.44
CA ALA A 179 -6.23 4.81 -10.57
C ALA A 179 -6.75 5.01 -9.14
N ILE A 180 -7.07 3.90 -8.50
CA ILE A 180 -7.41 3.82 -7.08
C ILE A 180 -6.43 2.84 -6.44
N THR A 181 -5.74 3.28 -5.38
CA THR A 181 -4.79 2.42 -4.69
C THR A 181 -4.77 2.77 -3.21
N GLY A 182 -4.21 1.85 -2.42
CA GLY A 182 -4.22 2.00 -0.97
C GLY A 182 -4.06 0.64 -0.33
N GLY A 183 -4.50 0.54 0.92
CA GLY A 183 -4.38 -0.70 1.66
C GLY A 183 -5.58 -1.63 1.61
N ILE A 184 -6.67 -1.22 0.97
CA ILE A 184 -7.94 -1.94 1.05
C ILE A 184 -7.90 -3.16 0.14
N ASN A 185 -7.98 -4.35 0.74
CA ASN A 185 -8.10 -5.59 -0.02
C ASN A 185 -9.54 -5.80 -0.45
N THR A 186 -9.72 -6.26 -1.68
CA THR A 186 -11.05 -6.42 -2.25
C THR A 186 -11.71 -7.73 -1.82
N ASN A 187 -11.81 -7.98 -0.52
CA ASN A 187 -12.47 -9.21 -0.08
C ASN A 187 -13.48 -8.89 1.03
N LYS A 188 -14.66 -9.48 0.90
CA LYS A 188 -15.82 -9.06 1.68
C LYS A 188 -15.63 -9.25 3.18
N ASP A 189 -14.75 -10.16 3.60
CA ASP A 189 -14.70 -10.58 4.99
C ASP A 189 -13.99 -9.58 5.90
N ASP A 190 -13.25 -8.62 5.35
CA ASP A 190 -12.55 -7.64 6.16
C ASP A 190 -13.28 -6.30 6.26
N TYR A 191 -14.03 -5.89 5.24
CA TYR A 191 -14.61 -4.56 5.18
C TYR A 191 -16.12 -4.51 5.12
N LEU A 192 -16.79 -5.57 4.65
CA LEU A 192 -18.23 -5.52 4.40
C LEU A 192 -18.99 -6.40 5.38
N ASP A 193 -18.99 -7.70 5.10
CA ASP A 193 -19.68 -8.71 5.91
C ASP A 193 -19.01 -8.84 7.28
N THR A 194 -19.22 -7.85 8.15
CA THR A 194 -18.61 -7.93 9.47
C THR A 194 -19.09 -6.79 10.34
N ALA A 195 -19.19 -7.07 11.64
CA ALA A 195 -19.55 -6.07 12.64
C ALA A 195 -18.34 -5.41 13.28
N HIS A 196 -17.13 -5.91 13.01
CA HIS A 196 -15.88 -5.31 13.48
C HIS A 196 -15.02 -4.98 12.26
N PRO A 197 -15.32 -3.90 11.55
CA PRO A 197 -14.65 -3.65 10.28
C PRO A 197 -13.27 -3.01 10.46
N VAL A 198 -12.35 -3.44 9.60
CA VAL A 198 -11.00 -2.90 9.62
C VAL A 198 -11.01 -1.44 9.17
N SER A 199 -10.15 -0.63 9.78
CA SER A 199 -9.95 0.75 9.37
C SER A 199 -8.86 0.82 8.30
N ASP A 200 -9.17 1.49 7.18
CA ASP A 200 -8.26 1.50 6.04
C ASP A 200 -8.48 2.76 5.18
N VAL A 201 -7.57 2.98 4.23
CA VAL A 201 -7.66 4.17 3.39
C VAL A 201 -7.07 3.87 2.02
N ASP A 202 -7.80 4.28 0.99
CA ASP A 202 -7.38 4.30 -0.40
C ASP A 202 -7.33 5.75 -0.86
N MET A 203 -6.72 5.98 -2.02
CA MET A 203 -6.78 7.28 -2.66
C MET A 203 -7.07 7.09 -4.13
N ALA A 204 -7.75 8.07 -4.72
CA ALA A 204 -8.12 8.06 -6.12
C ALA A 204 -7.49 9.25 -6.82
N LEU A 205 -6.90 9.02 -7.99
CA LEU A 205 -6.38 10.11 -8.80
C LEU A 205 -6.62 9.79 -10.28
N SER A 206 -6.37 10.78 -11.14
CA SER A 206 -6.39 10.59 -12.57
C SER A 206 -5.16 11.28 -13.14
N GLY A 207 -4.76 10.90 -14.35
CA GLY A 207 -3.66 11.55 -15.02
C GLY A 207 -2.47 10.65 -15.27
N PRO A 208 -1.32 11.27 -15.56
CA PRO A 208 -0.13 10.48 -15.89
C PRO A 208 0.24 9.41 -14.86
N ALA A 209 0.05 9.70 -13.58
CA ALA A 209 0.41 8.74 -12.54
C ALA A 209 -0.47 7.48 -12.56
N ALA A 210 -1.66 7.57 -13.16
CA ALA A 210 -2.44 6.38 -13.44
C ALA A 210 -1.75 5.50 -14.48
N ARG A 211 -1.14 6.12 -15.50
CA ARG A 211 -0.39 5.32 -16.46
C ARG A 211 0.80 4.67 -15.78
N SER A 212 1.46 5.39 -14.86
CA SER A 212 2.60 4.80 -14.15
C SER A 212 2.19 3.52 -13.45
N ALA A 213 1.03 3.55 -12.79
CA ALA A 213 0.51 2.32 -12.16
C ALA A 213 0.23 1.24 -13.21
N GLY A 214 -0.30 1.64 -14.36
CA GLY A 214 -0.45 0.68 -15.44
C GLY A 214 0.86 0.05 -15.83
N LYS A 215 1.90 0.88 -16.04
CA LYS A 215 3.22 0.35 -16.39
C LYS A 215 3.71 -0.60 -15.32
N TYR A 216 3.43 -0.28 -14.04
CA TYR A 216 3.83 -1.18 -12.97
C TYR A 216 3.13 -2.52 -13.09
N LEU A 217 1.83 -2.52 -13.40
CA LEU A 217 1.11 -3.78 -13.59
C LEU A 217 1.59 -4.54 -14.84
N ASP A 218 2.08 -3.82 -15.86
CA ASP A 218 2.64 -4.52 -17.02
C ASP A 218 3.88 -5.31 -16.63
N THR A 219 4.69 -4.78 -15.71
CA THR A 219 5.87 -5.51 -15.24
CA THR A 219 5.86 -5.53 -15.26
C THR A 219 5.46 -6.80 -14.52
N LEU A 220 4.43 -6.74 -13.68
CA LEU A 220 3.93 -7.93 -12.99
C LEU A 220 3.34 -8.93 -13.97
N TRP A 221 2.61 -8.46 -14.99
CA TRP A 221 1.98 -9.39 -15.92
C TRP A 221 2.96 -9.94 -16.95
N ASP A 222 4.04 -9.21 -17.26
CA ASP A 222 5.08 -9.78 -18.09
C ASP A 222 5.67 -11.02 -17.41
N TRP A 223 6.00 -10.89 -16.13
CA TRP A 223 6.48 -12.03 -15.37
C TRP A 223 5.39 -13.11 -15.28
N THR A 224 4.16 -12.69 -14.96
CA THR A 224 3.08 -13.66 -14.78
C THR A 224 2.80 -14.44 -16.05
N CYS A 225 2.74 -13.77 -17.21
CA CYS A 225 2.47 -14.49 -18.46
C CYS A 225 3.61 -15.45 -18.78
N ARG A 226 4.87 -15.03 -18.60
CA ARG A 226 5.99 -15.94 -18.85
C ARG A 226 5.96 -17.12 -17.90
N ASN A 227 5.71 -16.87 -16.62
CA ASN A 227 5.87 -17.95 -15.65
C ASN A 227 4.65 -18.83 -15.52
N ALA A 228 3.61 -18.60 -16.33
CA ALA A 228 2.52 -19.56 -16.46
C ALA A 228 2.98 -20.90 -16.99
N SER A 229 4.21 -20.99 -17.51
CA SER A 229 4.84 -22.27 -17.81
C SER A 229 5.15 -23.08 -16.56
N ASP A 230 5.07 -22.48 -15.38
CA ASP A 230 5.31 -23.18 -14.11
C ASP A 230 4.06 -23.05 -13.25
N PRO A 231 3.16 -24.04 -13.30
CA PRO A 231 1.91 -23.94 -12.55
C PRO A 231 2.10 -23.90 -11.03
N ALA A 232 3.25 -24.33 -10.50
CA ALA A 232 3.52 -24.13 -9.09
C ALA A 232 3.63 -22.65 -8.75
N LYS A 233 3.95 -21.81 -9.74
CA LYS A 233 4.06 -20.37 -9.56
C LYS A 233 2.83 -19.60 -10.02
N VAL A 234 2.23 -19.96 -11.15
CA VAL A 234 1.17 -19.16 -11.77
C VAL A 234 0.02 -20.05 -12.18
N TRP A 235 -1.20 -19.64 -11.81
CA TRP A 235 -2.42 -20.21 -12.33
C TRP A 235 -3.09 -19.15 -13.16
N LEU A 236 -3.42 -19.49 -14.39
CA LEU A 236 -3.88 -18.50 -15.36
C LEU A 236 -5.13 -19.03 -16.04
N ALA A 237 -6.12 -18.16 -16.21
CA ALA A 237 -7.28 -18.46 -17.02
C ALA A 237 -7.67 -17.23 -17.83
N THR A 238 -7.90 -17.44 -19.13
CA THR A 238 -8.43 -16.39 -19.99
C THR A 238 -9.77 -16.85 -20.55
N SER A 239 -10.45 -15.90 -21.17
CA SER A 239 -11.80 -16.08 -21.71
C SER A 239 -11.76 -15.87 -23.22
N ASN A 240 -12.79 -16.36 -23.90
CA ASN A 240 -12.95 -16.13 -25.35
C ASN A 240 -11.71 -16.59 -26.12
N GLY A 241 -10.95 -17.53 -25.56
CA GLY A 241 -9.74 -17.96 -26.24
C GLY A 241 -8.64 -16.91 -26.29
N ALA A 242 -8.72 -15.87 -25.45
CA ALA A 242 -7.76 -14.79 -25.48
C ALA A 242 -6.39 -15.28 -25.06
N SER A 243 -5.35 -14.65 -25.61
CA SER A 243 -3.99 -14.81 -25.14
C SER A 243 -3.79 -14.09 -23.82
N CYS A 244 -2.73 -14.48 -23.09
CA CYS A 244 -2.28 -13.65 -21.99
C CYS A 244 -1.88 -12.28 -22.54
N MET A 245 -2.10 -11.23 -21.77
CA MET A 245 -1.91 -9.85 -22.22
C MET A 245 -0.84 -9.21 -21.36
N PRO A 246 0.43 -9.51 -21.60
CA PRO A 246 1.48 -8.98 -20.72
C PRO A 246 1.65 -7.48 -20.79
N SER A 247 1.35 -6.85 -21.92
CA SER A 247 1.64 -5.45 -22.14
C SER A 247 0.38 -4.66 -22.46
N MET A 248 -0.72 -4.97 -21.76
CA MET A 248 -2.00 -4.32 -22.01
C MET A 248 -1.92 -2.82 -21.79
N GLU A 249 -1.24 -2.38 -20.73
CA GLU A 249 -1.19 -0.94 -20.45
C GLU A 249 -0.32 -0.21 -21.47
N GLN A 250 0.78 -0.83 -21.91
CA GLN A 250 1.62 -0.17 -22.90
C GLN A 250 0.90 -0.03 -24.24
N ASP A 251 0.20 -1.09 -24.68
CA ASP A 251 -0.57 -1.01 -25.92
C ASP A 251 -1.63 0.07 -25.85
N GLU A 252 -2.31 0.16 -24.72
CA GLU A 252 -3.33 1.21 -24.57
C GLU A 252 -2.69 2.60 -24.58
N ALA A 253 -1.52 2.74 -23.96
CA ALA A 253 -0.88 4.05 -23.81
C ALA A 253 -0.51 4.65 -25.17
N GLY A 254 0.05 3.83 -26.06
CA GLY A 254 0.47 4.32 -27.34
C GLY A 254 1.81 5.03 -27.27
N SER A 255 2.01 5.93 -28.22
CA SER A 255 3.20 6.76 -28.26
C SER A 255 3.00 8.15 -27.66
N ALA A 256 1.76 8.62 -27.60
CA ALA A 256 1.49 9.95 -27.06
C ALA A 256 1.65 9.92 -25.55
N PRO A 257 2.36 10.89 -24.96
CA PRO A 257 2.48 10.93 -23.49
C PRO A 257 1.14 11.16 -22.84
N ALA A 258 1.00 10.69 -21.60
CA ALA A 258 -0.27 10.82 -20.90
C ALA A 258 -0.69 12.28 -20.83
N GLU A 259 -2.00 12.51 -20.86
CA GLU A 259 -2.51 13.87 -20.82
C GLU A 259 -2.66 14.34 -19.36
N PRO A 260 -2.25 15.57 -19.08
CA PRO A 260 -2.44 16.13 -17.73
C PRO A 260 -3.91 16.33 -17.42
N THR A 261 -4.29 16.08 -16.17
CA THR A 261 -5.66 16.35 -15.76
C THR A 261 -5.77 17.33 -14.60
N GLY A 262 -4.65 17.67 -13.95
CA GLY A 262 -4.66 18.64 -12.87
C GLY A 262 -3.27 19.21 -12.71
N ASP A 263 -2.92 19.65 -11.50
CA ASP A 263 -1.61 20.25 -11.28
C ASP A 263 -0.79 19.55 -10.18
N VAL A 264 -1.07 18.30 -9.87
CA VAL A 264 -0.48 17.64 -8.69
C VAL A 264 0.74 16.84 -9.10
N PRO A 265 1.91 17.06 -8.50
CA PRO A 265 3.06 16.18 -8.77
C PRO A 265 3.02 14.93 -7.90
N VAL A 266 3.36 13.79 -8.50
CA VAL A 266 3.20 12.48 -7.87
C VAL A 266 4.37 11.58 -8.23
N ILE A 267 4.89 10.86 -7.25
CA ILE A 267 5.82 9.76 -7.49
C ILE A 267 5.07 8.45 -7.30
N ALA A 268 4.95 7.67 -8.38
CA ALA A 268 4.49 6.29 -8.32
C ALA A 268 5.70 5.42 -8.06
N VAL A 269 5.57 4.47 -7.14
CA VAL A 269 6.70 3.61 -6.84
C VAL A 269 6.18 2.29 -6.31
N GLY A 270 6.82 1.21 -6.78
CA GLY A 270 6.51 -0.10 -6.30
C GLY A 270 7.75 -0.92 -5.99
N GLY A 271 7.59 -2.24 -5.90
CA GLY A 271 8.73 -3.14 -5.78
C GLY A 271 8.33 -4.49 -6.33
N LEU A 272 9.34 -5.27 -6.70
CA LEU A 272 9.11 -6.55 -7.37
C LEU A 272 9.30 -7.74 -6.44
N GLY A 273 9.43 -7.50 -5.14
CA GLY A 273 9.54 -8.60 -4.20
C GLY A 273 10.78 -9.42 -4.45
N VAL A 274 10.61 -10.75 -4.42
CA VAL A 274 11.69 -11.68 -4.66
C VAL A 274 11.19 -12.68 -5.70
N GLY A 275 12.02 -12.94 -6.72
CA GLY A 275 11.73 -13.99 -7.67
C GLY A 275 11.23 -13.51 -9.01
N ILE A 276 11.03 -12.20 -9.18
CA ILE A 276 10.75 -11.66 -10.51
C ILE A 276 12.03 -11.22 -11.19
N LYS A 277 12.86 -10.45 -10.50
CA LYS A 277 14.08 -9.90 -11.06
C LYS A 277 15.10 -9.79 -9.94
N GLU A 278 16.31 -10.30 -10.19
CA GLU A 278 17.28 -10.45 -9.11
C GLU A 278 17.89 -9.10 -8.72
N SER A 279 18.14 -8.24 -9.69
CA SER A 279 18.73 -6.92 -9.45
C SER A 279 18.33 -5.98 -10.59
N ASP A 280 18.48 -4.69 -10.35
CA ASP A 280 18.46 -3.73 -11.45
C ASP A 280 19.89 -3.63 -11.96
N PRO A 281 20.25 -4.29 -13.05
CA PRO A 281 21.68 -4.37 -13.41
C PRO A 281 22.22 -3.11 -14.08
N SER A 282 21.42 -2.07 -14.26
CA SER A 282 21.96 -0.79 -14.66
C SER A 282 22.33 0.10 -13.46
N SER A 283 22.21 -0.41 -12.25
CA SER A 283 22.23 0.42 -11.06
C SER A 283 23.61 0.39 -10.42
N GLY A 284 24.13 1.56 -10.09
CA GLY A 284 25.35 1.69 -9.34
C GLY A 284 25.18 1.77 -7.84
N TYR A 285 23.94 1.65 -7.34
CA TYR A 285 23.66 1.71 -5.91
C TYR A 285 24.63 0.83 -5.11
N HIS A 286 25.22 1.41 -4.05
CA HIS A 286 26.25 0.71 -3.27
C HIS A 286 26.21 1.15 -1.81
N PRO A 287 25.15 0.77 -1.10
CA PRO A 287 24.94 1.31 0.25
C PRO A 287 25.92 0.74 1.27
N ASP A 288 26.11 1.51 2.34
CA ASP A 288 26.75 0.99 3.56
C ASP A 288 25.63 0.44 4.43
N LEU A 289 25.36 -0.89 4.29
CA LEU A 289 24.17 -1.44 4.92
C LEU A 289 24.38 -1.61 6.43
N PRO A 290 23.35 -1.34 7.24
CA PRO A 290 23.58 -1.13 8.68
C PRO A 290 24.03 -2.41 9.37
N THR A 291 24.93 -2.23 10.33
CA THR A 291 25.57 -3.30 11.08
C THR A 291 24.73 -3.76 12.27
N ALA A 292 23.50 -3.26 12.40
CA ALA A 292 22.76 -3.40 13.64
C ALA A 292 22.39 -4.85 13.91
N PRO A 293 22.52 -5.31 15.15
CA PRO A 293 22.01 -6.63 15.50
C PRO A 293 20.56 -6.56 15.90
N ASP A 294 20.27 -7.19 17.04
CA ASP A 294 18.94 -7.42 17.59
C ASP A 294 19.05 -8.64 18.48
N THR A 295 19.45 -8.47 19.74
CA THR A 295 19.46 -9.72 20.49
C THR A 295 18.05 -10.19 20.86
N LYS A 296 17.06 -9.52 20.25
CA LYS A 296 15.67 -9.92 20.38
C LYS A 296 15.22 -10.89 19.28
N CYS A 297 15.94 -10.96 18.16
CA CYS A 297 15.56 -11.91 17.10
C CYS A 297 16.63 -11.96 16.02
N THR A 298 16.79 -13.16 15.42
CA THR A 298 17.63 -13.34 14.24
C THR A 298 16.88 -14.15 13.18
N VAL A 299 16.99 -13.69 11.94
CA VAL A 299 16.17 -14.20 10.86
C VAL A 299 16.65 -15.60 10.47
N GLY A 300 15.70 -16.45 10.09
CA GLY A 300 16.06 -17.72 9.49
C GLY A 300 16.47 -17.52 8.06
N LEU A 301 15.64 -16.79 7.32
CA LEU A 301 15.89 -16.49 5.92
C LEU A 301 16.90 -15.35 5.77
N HIS A 302 17.65 -15.40 4.68
CA HIS A 302 18.46 -14.28 4.27
C HIS A 302 17.65 -12.99 4.33
N ASP A 303 18.22 -11.96 4.97
CA ASP A 303 17.49 -10.74 5.31
C ASP A 303 17.52 -9.78 4.13
N ASN A 304 16.47 -9.83 3.31
CA ASN A 304 16.39 -8.91 2.17
C ASN A 304 16.16 -7.48 2.62
N THR A 305 15.47 -7.27 3.74
CA THR A 305 15.16 -5.91 4.17
C THR A 305 16.43 -5.17 4.55
N ASN A 306 17.29 -5.81 5.36
CA ASN A 306 18.42 -5.15 6.00
C ASN A 306 19.78 -5.52 5.42
N ALA A 307 19.88 -6.58 4.61
CA ALA A 307 21.21 -7.06 4.22
C ALA A 307 21.26 -7.53 2.78
N ASP A 308 20.60 -6.82 1.85
CA ASP A 308 20.61 -7.25 0.45
C ASP A 308 20.56 -6.03 -0.46
N ARG A 309 21.71 -5.69 -1.02
CA ARG A 309 21.83 -4.56 -1.95
C ARG A 309 20.97 -4.79 -3.18
N ASP A 310 21.04 -5.99 -3.77
CA ASP A 310 20.29 -6.28 -5.00
C ASP A 310 18.79 -6.07 -4.79
N TYR A 311 18.26 -6.54 -3.66
CA TYR A 311 16.82 -6.45 -3.43
C TYR A 311 16.36 -5.00 -3.38
N ASP A 312 17.20 -4.11 -2.83
CA ASP A 312 16.85 -2.69 -2.86
C ASP A 312 16.63 -2.21 -4.28
N THR A 313 17.49 -2.64 -5.21
CA THR A 313 17.46 -2.07 -6.55
C THR A 313 16.21 -2.48 -7.33
N VAL A 314 15.60 -3.60 -6.98
CA VAL A 314 14.32 -4.00 -7.60
C VAL A 314 13.15 -3.76 -6.65
N ASN A 315 13.38 -3.11 -5.51
CA ASN A 315 12.31 -2.72 -4.61
C ASN A 315 12.51 -1.26 -4.22
N PRO A 316 12.38 -0.36 -5.18
CA PRO A 316 12.61 1.06 -4.89
C PRO A 316 11.67 1.63 -3.84
N GLU A 317 10.50 1.01 -3.63
CA GLU A 317 9.56 1.52 -2.64
C GLU A 317 10.13 1.50 -1.23
N GLU A 318 11.02 0.54 -0.91
CA GLU A 318 11.65 0.56 0.42
C GLU A 318 12.40 1.87 0.65
N ASN A 319 13.33 2.20 -0.26
CA ASN A 319 14.08 3.45 -0.11
C ASN A 319 13.19 4.67 -0.27
N ALA A 320 12.11 4.56 -1.06
CA ALA A 320 11.21 5.70 -1.22
C ALA A 320 10.56 6.08 0.10
N LEU A 321 10.12 5.08 0.86
CA LEU A 321 9.54 5.37 2.17
C LEU A 321 10.60 5.92 3.11
N ARG A 322 11.79 5.33 3.11
CA ARG A 322 12.87 5.82 3.96
C ARG A 322 13.18 7.28 3.64
N SER A 323 13.30 7.62 2.35
CA SER A 323 13.66 8.99 2.02
C SER A 323 12.48 9.95 2.20
N LEU A 324 11.25 9.44 2.16
CA LEU A 324 10.10 10.25 2.52
C LEU A 324 10.19 10.70 3.98
N ILE A 325 10.43 9.75 4.88
CA ILE A 325 10.59 10.07 6.30
C ILE A 325 11.81 10.96 6.52
N ALA A 326 12.91 10.68 5.81
CA ALA A 326 14.12 11.47 5.99
C ALA A 326 13.98 12.89 5.48
N SER A 327 13.04 13.15 4.56
CA SER A 327 12.81 14.51 4.07
C SER A 327 12.06 15.39 5.07
N ALA A 328 11.61 14.85 6.19
CA ALA A 328 10.78 15.58 7.13
C ALA A 328 11.62 16.62 7.87
N ARG A 329 11.29 17.91 7.69
CA ARG A 329 12.00 18.96 8.40
C ARG A 329 11.27 19.46 9.64
N SER A 330 10.01 19.07 9.84
CA SER A 330 9.31 19.59 11.01
C SER A 330 8.58 18.49 11.78
N HIS A 331 7.83 17.63 11.08
CA HIS A 331 7.07 16.59 11.74
C HIS A 331 6.71 15.50 10.73
N VAL A 332 6.52 14.28 11.23
CA VAL A 332 6.17 13.12 10.40
C VAL A 332 5.13 12.30 11.15
N GLU A 333 4.05 11.94 10.44
CA GLU A 333 3.01 11.07 10.96
C GLU A 333 3.08 9.74 10.24
N ILE A 334 3.15 8.66 11.00
CA ILE A 334 3.13 7.31 10.49
C ILE A 334 1.88 6.62 11.02
N SER A 335 1.07 6.07 10.12
CA SER A 335 -0.15 5.39 10.53
C SER A 335 -0.17 4.06 9.79
N GLN A 336 0.01 2.97 10.53
CA GLN A 336 0.29 1.67 9.96
C GLN A 336 -0.47 0.58 10.71
N GLN A 337 -0.61 -0.59 10.08
CA GLN A 337 -0.94 -1.76 10.88
C GLN A 337 0.15 -2.07 11.88
N ASP A 338 1.42 -2.03 11.45
CA ASP A 338 2.57 -2.42 12.25
C ASP A 338 3.80 -1.68 11.79
N LEU A 339 4.73 -1.46 12.72
CA LEU A 339 6.09 -1.10 12.37
CA LEU A 339 6.09 -1.10 12.36
C LEU A 339 7.03 -2.29 12.38
N ASN A 340 6.69 -3.32 13.16
CA ASN A 340 7.51 -4.50 13.32
C ASN A 340 6.80 -5.70 12.72
N ALA A 341 7.60 -6.63 12.21
CA ALA A 341 7.11 -7.87 11.65
C ALA A 341 7.35 -9.03 12.62
N THR A 342 6.68 -10.14 12.34
CA THR A 342 6.83 -11.33 13.15
C THR A 342 8.17 -11.99 12.83
N CYS A 343 9.01 -12.10 13.86
CA CYS A 343 10.35 -12.59 13.71
C CYS A 343 10.54 -13.76 14.68
N PRO A 344 10.99 -14.92 14.20
CA PRO A 344 11.13 -15.17 12.76
C PRO A 344 9.74 -15.47 12.14
N PRO A 345 9.63 -15.62 10.81
CA PRO A 345 10.60 -15.80 9.72
C PRO A 345 11.20 -14.51 9.13
N LEU A 346 10.58 -13.34 9.35
CA LEU A 346 11.02 -12.08 8.78
C LEU A 346 11.84 -11.30 9.80
N PRO A 347 12.69 -10.38 9.37
CA PRO A 347 13.34 -9.50 10.35
C PRO A 347 12.31 -8.74 11.17
N ARG A 348 12.67 -8.44 12.42
CA ARG A 348 11.72 -7.80 13.32
C ARG A 348 11.42 -6.36 12.91
N TYR A 349 12.36 -5.68 12.29
CA TYR A 349 12.12 -4.31 11.85
C TYR A 349 13.13 -3.95 10.78
N ASP A 350 12.85 -2.83 10.12
CA ASP A 350 13.71 -2.28 9.08
C ASP A 350 14.66 -1.31 9.77
N ILE A 351 15.95 -1.70 9.83
CA ILE A 351 16.92 -0.95 10.62
C ILE A 351 17.07 0.47 10.08
N ARG A 352 17.15 0.62 8.76
CA ARG A 352 17.37 1.96 8.20
C ARG A 352 16.18 2.88 8.49
N THR A 353 14.96 2.32 8.51
CA THR A 353 13.79 3.10 8.86
C THR A 353 13.87 3.57 10.30
N TYR A 354 14.18 2.66 11.22
CA TYR A 354 14.26 3.06 12.61
C TYR A 354 15.41 4.03 12.86
N ASP A 355 16.53 3.87 12.14
CA ASP A 355 17.61 4.85 12.25
C ASP A 355 17.21 6.22 11.72
N THR A 356 16.46 6.25 10.61
CA THR A 356 15.90 7.51 10.13
C THR A 356 15.02 8.16 11.19
N LEU A 357 14.10 7.39 11.77
CA LEU A 357 13.22 7.94 12.81
C LEU A 357 14.03 8.48 13.99
N ALA A 358 14.95 7.67 14.52
CA ALA A 358 15.77 8.12 15.65
C ALA A 358 16.48 9.42 15.32
N GLY A 359 17.09 9.49 14.14
CA GLY A 359 17.72 10.74 13.73
C GLY A 359 16.76 11.91 13.75
N LYS A 360 15.53 11.70 13.29
CA LYS A 360 14.51 12.74 13.35
C LYS A 360 14.23 13.16 14.78
N LEU A 361 14.02 12.18 15.67
CA LEU A 361 13.80 12.50 17.09
C LEU A 361 14.97 13.30 17.66
N ALA A 362 16.20 12.91 17.35
CA ALA A 362 17.36 13.62 17.91
C ALA A 362 17.47 15.05 17.37
N ALA A 363 16.98 15.32 16.17
CA ALA A 363 17.03 16.65 15.60
C ALA A 363 15.84 17.52 16.00
N GLY A 364 15.01 17.06 16.94
CA GLY A 364 13.84 17.83 17.33
C GLY A 364 12.64 17.74 16.39
N VAL A 365 12.67 16.85 15.39
CA VAL A 365 11.51 16.66 14.53
C VAL A 365 10.47 15.82 15.26
N LYS A 366 9.21 16.22 15.17
CA LYS A 366 8.13 15.49 15.85
C LYS A 366 7.78 14.22 15.08
N VAL A 367 7.66 13.11 15.79
CA VAL A 367 7.34 11.83 15.19
C VAL A 367 6.10 11.26 15.89
N ARG A 368 5.06 10.97 15.12
CA ARG A 368 3.90 10.26 15.64
C ARG A 368 3.79 8.91 14.93
N ILE A 369 3.64 7.85 15.72
CA ILE A 369 3.42 6.52 15.18
C ILE A 369 2.12 6.01 15.76
N VAL A 370 1.18 5.66 14.89
CA VAL A 370 -0.06 5.05 15.32
C VAL A 370 -0.13 3.70 14.62
N VAL A 371 -0.22 2.61 15.39
CA VAL A 371 -0.31 1.27 14.84
C VAL A 371 -1.59 0.60 15.34
N SER A 372 -1.85 -0.58 14.81
CA SER A 372 -2.96 -1.39 15.28
C SER A 372 -2.74 -1.81 16.73
N ASP A 373 -3.82 -1.84 17.51
CA ASP A 373 -3.74 -2.27 18.91
C ASP A 373 -3.07 -3.64 19.00
N PRO A 374 -2.05 -3.80 19.84
CA PRO A 374 -1.52 -5.14 20.16
C PRO A 374 -2.58 -6.17 20.55
N ALA A 375 -3.72 -5.74 21.11
CA ALA A 375 -4.85 -6.66 21.36
C ALA A 375 -5.28 -7.40 20.11
N ASN A 376 -4.91 -6.93 18.93
CA ASN A 376 -5.32 -7.59 17.69
C ASN A 376 -4.51 -8.87 17.50
N ARG A 377 -5.09 -10.03 17.79
CA ARG A 377 -4.47 -11.27 17.35
C ARG A 377 -5.22 -11.79 16.14
N GLY A 378 -4.47 -12.16 15.13
CA GLY A 378 -4.99 -12.77 13.94
C GLY A 378 -3.89 -13.55 13.27
N ALA A 379 -4.30 -14.42 12.35
CA ALA A 379 -3.36 -15.18 11.55
C ALA A 379 -2.49 -14.22 10.72
N VAL A 380 -1.55 -14.80 9.98
CA VAL A 380 -0.56 -14.01 9.24
C VAL A 380 -1.25 -13.10 8.22
N GLY A 381 -2.25 -13.61 7.52
CA GLY A 381 -2.90 -12.84 6.48
C GLY A 381 -4.06 -11.98 6.94
N SER A 382 -4.25 -11.81 8.23
CA SER A 382 -5.40 -11.08 8.74
C SER A 382 -5.25 -9.58 8.51
N GLY A 383 -6.27 -8.97 7.94
CA GLY A 383 -6.37 -7.52 7.95
C GLY A 383 -6.60 -7.05 9.38
N GLY A 384 -5.66 -6.27 9.91
CA GLY A 384 -5.81 -5.65 11.22
C GLY A 384 -5.01 -6.28 12.35
N ARG A 385 -4.47 -7.50 12.18
CA ARG A 385 -3.65 -8.17 13.20
C ARG A 385 -2.52 -7.27 13.71
N SER A 386 -1.84 -7.70 14.77
CA SER A 386 -0.69 -6.97 15.30
C SER A 386 0.45 -7.95 15.46
N GLN A 387 1.65 -7.50 15.15
CA GLN A 387 2.86 -8.33 15.27
C GLN A 387 3.70 -7.92 16.47
N ILE A 388 3.17 -7.08 17.36
CA ILE A 388 3.84 -6.77 18.61
C ILE A 388 2.91 -7.12 19.75
N LYS A 389 3.51 -7.42 20.90
CA LYS A 389 2.74 -7.62 22.12
C LYS A 389 2.53 -6.32 22.88
N SER A 390 3.44 -5.36 22.76
CA SER A 390 3.29 -4.08 23.42
C SER A 390 3.93 -2.99 22.56
N LEU A 391 3.38 -1.77 22.67
CA LEU A 391 3.99 -0.61 22.02
C LEU A 391 5.43 -0.36 22.47
N ASP A 392 5.86 -0.98 23.55
CA ASP A 392 7.24 -0.81 24.01
C ASP A 392 8.25 -1.37 23.02
N GLU A 393 7.86 -2.40 22.25
CA GLU A 393 8.77 -2.95 21.25
C GLU A 393 9.12 -1.94 20.16
N ILE A 394 8.36 -0.84 20.05
CA ILE A 394 8.66 0.24 19.11
C ILE A 394 9.51 1.33 19.77
N SER A 395 9.10 1.81 20.96
CA SER A 395 9.88 2.86 21.60
C SER A 395 11.20 2.31 22.15
N ASP A 396 11.20 1.08 22.68
CA ASP A 396 12.47 0.50 23.10
C ASP A 396 13.44 0.40 21.92
N THR A 397 12.92 0.08 20.72
CA THR A 397 13.79 0.03 19.55
C THR A 397 14.32 1.41 19.19
N LEU A 398 13.46 2.44 19.24
CA LEU A 398 13.94 3.79 18.97
C LEU A 398 14.97 4.19 20.01
N ARG A 399 14.69 3.89 21.29
CA ARG A 399 15.67 4.13 22.35
C ARG A 399 17.01 3.45 22.05
N THR A 400 16.99 2.21 21.58
CA THR A 400 18.25 1.54 21.24
C THR A 400 18.95 2.26 20.10
N ARG A 401 18.23 2.54 19.00
CA ARG A 401 18.88 3.19 17.88
C ARG A 401 19.33 4.60 18.21
N LEU A 402 18.76 5.19 19.26
CA LEU A 402 19.13 6.55 19.66
C LEU A 402 20.48 6.59 20.36
N VAL A 403 20.74 5.61 21.24
CA VAL A 403 22.02 5.58 21.94
C VAL A 403 23.14 5.23 20.96
N ALA A 404 22.92 4.23 20.11
CA ALA A 404 23.85 3.94 19.03
C ALA A 404 24.13 5.16 18.15
N LEU A 405 23.20 6.11 18.10
CA LEU A 405 23.42 7.33 17.31
C LEU A 405 24.12 8.40 18.12
N THR A 406 23.52 8.78 19.26
CA THR A 406 23.98 9.94 20.01
C THR A 406 25.18 9.61 20.88
N GLY A 407 25.12 8.51 21.61
CA GLY A 407 26.23 8.14 22.46
C GLY A 407 25.82 7.78 23.87
N ASP A 408 24.96 8.58 24.49
CA ASP A 408 24.56 8.36 25.87
C ASP A 408 23.04 8.29 25.98
N ASN A 409 22.58 7.67 27.07
CA ASN A 409 21.16 7.33 27.17
C ASN A 409 20.27 8.51 27.55
N GLU A 410 20.74 9.49 28.32
CA GLU A 410 19.83 10.58 28.64
C GLU A 410 19.66 11.55 27.46
N LYS A 411 20.70 11.73 26.64
CA LYS A 411 20.49 12.36 25.34
C LYS A 411 19.40 11.62 24.57
N ALA A 412 19.39 10.28 24.64
CA ALA A 412 18.32 9.50 24.02
C ALA A 412 16.97 9.79 24.66
N SER A 413 16.93 9.92 25.99
CA SER A 413 15.66 10.19 26.66
C SER A 413 15.08 11.54 26.28
N ARG A 414 15.94 12.55 26.08
CA ARG A 414 15.40 13.86 25.73
C ARG A 414 14.84 13.86 24.31
N ALA A 415 15.48 13.15 23.39
CA ALA A 415 14.92 12.98 22.05
C ALA A 415 13.62 12.18 22.10
N LEU A 416 13.63 11.03 22.77
CA LEU A 416 12.50 10.12 22.77
C LEU A 416 11.30 10.70 23.48
N CYS A 417 11.49 11.20 24.69
CA CYS A 417 10.35 11.62 25.49
C CYS A 417 9.77 12.94 25.03
N GLY A 418 10.56 13.77 24.35
CA GLY A 418 10.06 15.08 23.98
C GLY A 418 9.55 15.19 22.57
N ASN A 419 9.74 14.15 21.77
CA ASN A 419 9.42 14.27 20.35
C ASN A 419 8.62 13.11 19.78
N LEU A 420 8.39 12.05 20.55
CA LEU A 420 7.68 10.87 20.07
C LEU A 420 6.27 10.84 20.64
N GLN A 421 5.29 10.66 19.76
CA GLN A 421 3.95 10.24 20.11
C GLN A 421 3.77 8.82 19.60
N LEU A 422 3.35 7.93 20.48
CA LEU A 422 3.20 6.52 20.14
C LEU A 422 1.88 6.06 20.73
N ALA A 423 1.00 5.53 19.88
CA ALA A 423 -0.33 5.16 20.37
C ALA A 423 -0.88 4.01 19.56
N SER A 424 -1.88 3.34 20.12
CA SER A 424 -2.70 2.38 19.39
C SER A 424 -3.88 3.07 18.74
N PHE A 425 -4.32 2.53 17.61
CA PHE A 425 -5.38 3.19 16.85
C PHE A 425 -6.72 3.16 17.58
N ARG A 426 -7.36 4.33 17.67
CA ARG A 426 -8.79 4.40 17.97
C ARG A 426 -9.43 5.35 16.97
N SER A 427 -10.72 5.11 16.67
CA SER A 427 -11.45 6.01 15.80
C SER A 427 -12.67 6.62 16.48
N SER A 428 -12.82 6.42 17.77
CA SER A 428 -13.85 7.07 18.57
C SER A 428 -13.42 7.01 20.04
N ASP A 429 -14.31 7.43 20.93
CA ASP A 429 -14.03 7.38 22.36
C ASP A 429 -14.07 5.96 22.93
N ALA A 430 -14.67 5.03 22.22
CA ALA A 430 -14.69 3.64 22.67
C ALA A 430 -13.33 3.00 22.49
N ALA A 431 -12.92 2.20 23.47
CA ALA A 431 -11.66 1.48 23.37
C ALA A 431 -11.80 0.27 22.44
N LYS A 432 -12.99 -0.29 22.36
CA LYS A 432 -13.26 -1.42 21.49
C LYS A 432 -14.44 -1.05 20.60
N TRP A 433 -14.62 -1.81 19.53
CA TRP A 433 -15.89 -1.74 18.84
C TRP A 433 -17.00 -2.05 19.85
N ALA A 434 -18.21 -1.58 19.55
CA ALA A 434 -19.35 -2.05 20.33
C ALA A 434 -19.41 -3.57 20.35
N ASP A 435 -18.94 -4.20 19.27
CA ASP A 435 -18.92 -5.66 19.15
C ASP A 435 -18.13 -6.35 20.27
N GLY A 436 -17.30 -5.61 20.99
CA GLY A 436 -16.40 -6.20 21.97
C GLY A 436 -14.98 -6.32 21.45
N LYS A 437 -14.85 -6.71 20.19
CA LYS A 437 -13.57 -6.77 19.51
C LYS A 437 -12.91 -5.39 19.47
N PRO A 438 -11.59 -5.33 19.33
CA PRO A 438 -10.90 -4.04 19.29
C PRO A 438 -10.80 -3.49 17.88
N TYR A 439 -10.38 -2.23 17.81
CA TYR A 439 -10.14 -1.58 16.52
C TYR A 439 -8.93 -2.18 15.83
N ALA A 440 -9.08 -2.54 14.57
CA ALA A 440 -7.99 -3.01 13.75
C ALA A 440 -7.65 -1.95 12.71
N LEU A 441 -6.36 -1.71 12.53
CA LEU A 441 -5.86 -0.63 11.66
C LEU A 441 -5.08 -1.27 10.52
N HIS A 442 -5.37 -0.84 9.29
CA HIS A 442 -4.72 -1.42 8.12
C HIS A 442 -4.06 -0.39 7.20
N HIS A 443 -4.03 0.90 7.60
CA HIS A 443 -3.34 1.95 6.85
C HIS A 443 -1.92 1.54 6.47
N LYS A 444 -1.47 2.04 5.32
CA LYS A 444 -0.04 2.10 4.97
C LYS A 444 0.20 3.56 4.56
N LEU A 445 0.35 4.43 5.55
CA LEU A 445 0.32 5.86 5.32
C LEU A 445 1.48 6.52 6.05
N VAL A 446 2.15 7.43 5.36
CA VAL A 446 3.18 8.29 5.94
C VAL A 446 2.90 9.71 5.46
N SER A 447 2.89 10.67 6.37
CA SER A 447 2.78 12.05 5.94
C SER A 447 3.83 12.89 6.65
N VAL A 448 4.31 13.90 5.94
CA VAL A 448 5.53 14.62 6.30
C VAL A 448 5.27 16.12 6.10
N ASP A 449 5.50 16.91 7.16
CA ASP A 449 5.50 18.37 7.09
C ASP A 449 4.21 18.94 6.52
N ASP A 450 3.10 18.21 6.64
CA ASP A 450 1.83 18.60 6.03
C ASP A 450 2.02 19.04 4.57
N SER A 451 2.88 18.33 3.86
CA SER A 451 3.16 18.69 2.47
C SER A 451 3.27 17.49 1.55
N ALA A 452 3.75 16.34 2.03
CA ALA A 452 3.96 15.18 1.17
C ALA A 452 3.54 13.93 1.92
N PHE A 453 2.89 13.01 1.22
CA PHE A 453 2.36 11.84 1.89
C PHE A 453 2.37 10.67 0.94
N TYR A 454 2.52 9.48 1.51
CA TYR A 454 2.39 8.21 0.81
C TYR A 454 1.07 7.56 1.22
N ILE A 455 0.30 7.11 0.23
CA ILE A 455 -0.80 6.19 0.43
C ILE A 455 -0.63 5.03 -0.54
N GLY A 456 -0.60 3.81 -0.03
CA GLY A 456 -0.38 2.70 -0.92
C GLY A 456 -0.57 1.38 -0.21
N SER A 457 0.06 0.31 -0.70
CA SER A 457 -0.06 -1.00 -0.09
C SER A 457 1.19 -1.45 0.67
N LYS A 458 2.28 -0.70 0.59
CA LYS A 458 3.58 -1.12 1.16
C LYS A 458 3.61 -0.82 2.65
N ASN A 459 3.59 -1.86 3.47
CA ASN A 459 3.73 -1.66 4.91
C ASN A 459 5.15 -1.20 5.25
N LEU A 460 5.28 -0.49 6.37
CA LEU A 460 6.60 -0.12 6.87
C LEU A 460 7.29 -1.28 7.58
N TYR A 461 6.53 -2.28 8.05
CA TYR A 461 7.18 -3.44 8.63
C TYR A 461 7.75 -4.33 7.52
N PRO A 462 8.80 -5.09 7.81
CA PRO A 462 9.46 -5.88 6.76
C PRO A 462 8.50 -6.86 6.09
N ALA A 463 8.50 -6.85 4.77
CA ALA A 463 7.81 -7.83 3.96
C ALA A 463 8.41 -7.74 2.59
N TRP A 464 8.52 -8.87 1.91
CA TRP A 464 9.19 -8.94 0.61
C TRP A 464 8.19 -9.19 -0.54
N LEU A 465 7.03 -8.57 -0.46
CA LEU A 465 5.98 -8.72 -1.46
C LEU A 465 6.14 -7.70 -2.58
N GLN A 466 5.39 -7.89 -3.65
CA GLN A 466 5.23 -6.85 -4.67
C GLN A 466 4.18 -5.86 -4.19
N ASP A 467 4.56 -4.59 -4.06
CA ASP A 467 3.67 -3.56 -3.55
C ASP A 467 3.72 -2.33 -4.45
N PHE A 468 2.84 -1.36 -4.20
CA PHE A 468 2.77 -0.16 -5.02
C PHE A 468 2.07 0.94 -4.23
N GLY A 469 2.41 2.18 -4.55
CA GLY A 469 1.66 3.31 -4.01
C GLY A 469 2.11 4.63 -4.59
N TYR A 470 1.47 5.69 -4.12
CA TYR A 470 1.69 7.04 -4.61
C TYR A 470 2.23 7.94 -3.51
N ILE A 471 3.21 8.75 -3.86
CA ILE A 471 3.67 9.81 -2.99
C ILE A 471 3.25 11.12 -3.64
N VAL A 472 2.41 11.87 -2.94
CA VAL A 472 1.92 13.17 -3.38
C VAL A 472 2.66 14.26 -2.64
N GLU A 473 3.06 15.32 -3.34
CA GLU A 473 3.48 16.55 -2.66
C GLU A 473 2.53 17.68 -3.06
N SER A 474 1.82 18.23 -2.07
CA SER A 474 0.75 19.21 -2.25
C SER A 474 0.32 19.71 -0.88
N PRO A 475 0.71 20.92 -0.48
CA PRO A 475 0.25 21.44 0.82
C PRO A 475 -1.26 21.41 0.96
N ALA A 476 -1.98 21.72 -0.12
CA ALA A 476 -3.45 21.71 -0.08
C ALA A 476 -4.00 20.30 0.14
N ALA A 477 -3.46 19.29 -0.56
CA ALA A 477 -3.94 17.92 -0.35
C ALA A 477 -3.53 17.40 1.02
N ALA A 478 -2.34 17.75 1.51
CA ALA A 478 -1.92 17.27 2.81
C ALA A 478 -2.73 17.93 3.93
N GLN A 479 -3.21 19.15 3.69
CA GLN A 479 -4.14 19.80 4.60
C GLN A 479 -5.45 19.03 4.69
N GLN A 480 -5.98 18.62 3.53
CA GLN A 480 -7.16 17.74 3.53
C GLN A 480 -6.89 16.45 4.28
N LEU A 481 -5.73 15.84 4.01
CA LEU A 481 -5.36 14.63 4.73
C LEU A 481 -5.28 14.87 6.22
N LYS A 482 -4.69 16.00 6.62
CA LYS A 482 -4.59 16.32 8.04
C LYS A 482 -5.98 16.43 8.67
N THR A 483 -6.86 17.17 8.00
CA THR A 483 -8.20 17.44 8.53
C THR A 483 -9.05 16.19 8.58
N GLU A 484 -9.04 15.40 7.50
CA GLU A 484 -9.95 14.28 7.33
C GLU A 484 -9.47 12.99 8.00
N LEU A 485 -8.18 12.85 8.27
CA LEU A 485 -7.68 11.56 8.72
C LEU A 485 -6.72 11.73 9.91
N LEU A 486 -5.65 12.50 9.74
CA LEU A 486 -4.61 12.51 10.78
C LEU A 486 -5.07 13.20 12.07
N ASP A 487 -5.72 14.38 11.96
CA ASP A 487 -6.11 15.04 13.21
C ASP A 487 -7.17 14.21 13.93
N PRO A 488 -8.17 13.66 13.23
CA PRO A 488 -9.11 12.78 13.94
C PRO A 488 -8.45 11.55 14.52
N GLU A 489 -7.54 10.93 13.77
CA GLU A 489 -6.83 9.78 14.31
C GLU A 489 -6.13 10.11 15.62
N TRP A 490 -5.47 11.26 15.69
CA TRP A 490 -4.78 11.59 16.93
C TRP A 490 -5.77 11.98 18.02
N LYS A 491 -6.85 12.68 17.65
CA LYS A 491 -7.87 13.03 18.63
C LYS A 491 -8.32 11.82 19.43
N TYR A 492 -8.50 10.68 18.76
CA TYR A 492 -9.00 9.52 19.47
C TYR A 492 -7.91 8.54 19.87
N SER A 493 -6.85 8.38 19.06
CA SER A 493 -5.81 7.42 19.43
C SER A 493 -5.00 7.89 20.64
N GLN A 494 -4.93 9.20 20.88
CA GLN A 494 -4.11 9.65 21.99
C GLN A 494 -4.63 9.14 23.33
N GLN A 495 -5.90 8.74 23.40
CA GLN A 495 -6.40 8.06 24.58
C GLN A 495 -5.68 6.73 24.80
N ALA A 496 -5.12 6.14 23.73
CA ALA A 496 -4.37 4.89 23.82
C ALA A 496 -2.86 5.13 23.66
N ALA A 497 -2.39 6.32 23.99
CA ALA A 497 -0.98 6.65 23.82
C ALA A 497 -0.12 5.86 24.80
N ALA A 498 1.14 5.67 24.43
CA ALA A 498 2.14 5.03 25.27
C ALA A 498 3.04 6.09 25.86
N THR A 499 3.42 5.91 27.12
CA THR A 499 4.54 6.65 27.66
C THR A 499 5.71 5.69 27.70
N PRO A 500 6.77 5.91 26.93
CA PRO A 500 7.88 4.94 26.91
C PRO A 500 8.52 4.81 28.28
N ALA A 501 9.25 3.71 28.45
CA ALA A 501 10.07 3.52 29.64
C ALA A 501 11.05 4.67 29.79
N GLY A 502 10.94 5.39 30.92
CA GLY A 502 11.90 6.43 31.25
C GLY A 502 11.54 7.83 30.80
N CYS A 503 10.27 8.21 30.90
CA CYS A 503 9.77 9.50 30.45
C CYS A 503 8.75 10.02 31.44
N PRO A 504 8.67 11.35 31.62
CA PRO A 504 7.55 12.02 32.28
C PRO A 504 6.18 11.46 31.88
O1 MES B . -1.70 -19.67 -7.13
C2 MES B . -0.39 -19.64 -7.70
C3 MES B . 0.18 -21.03 -7.92
N4 MES B . -0.04 -21.90 -6.75
C5 MES B . -1.26 -21.77 -5.96
C6 MES B . -1.65 -20.31 -5.85
C7 MES B . 0.46 -23.27 -6.94
C8 MES B . 0.40 -24.03 -5.60
S MES B . 0.90 -25.65 -5.79
O1S MES B . 2.26 -25.76 -6.34
O2S MES B . -0.06 -26.34 -6.68
O3S MES B . 0.93 -26.25 -4.43
C1 GOL C . -11.02 5.03 9.71
O1 GOL C . -10.49 4.59 8.47
C2 GOL C . -12.01 6.13 9.36
O2 GOL C . -12.74 5.76 8.25
C3 GOL C . -12.86 6.37 10.62
O3 GOL C . -13.85 5.36 10.67
C01 VHY D . -2.21 -15.62 3.63
C02 VHY D . -1.13 -14.93 4.48
C03 VHY D . -0.08 -14.17 3.66
C04 VHY D . -0.59 -12.82 3.15
C06 VHY D . 0.05 -10.56 2.87
C07 VHY D . 0.16 -10.40 4.39
C09 VHY D . 2.39 -10.75 5.15
C10 VHY D . 3.44 -11.26 4.17
C11 VHY D . 4.75 -11.68 4.83
C12 VHY D . 4.76 -13.16 5.20
C14 VHY D . -0.95 -9.44 4.83
O05 VHY D . 0.27 -11.90 2.51
O08 VHY D . 1.40 -9.84 4.74
O13 VHY D . 2.42 -11.11 6.27
O15 VHY D . -0.57 -8.13 4.53
O17 VHY D . -2.80 -6.90 5.02
O18 VHY D . -0.79 -5.53 4.88
O19 VHY D . -1.10 -7.07 6.82
O20 VHY D . -1.74 -12.57 3.28
P16 VHY D . -1.32 -6.88 5.34
#